data_6J82
#
_entry.id   6J82
#
_cell.length_a   39.712
_cell.length_b   84.758
_cell.length_c   113.124
_cell.angle_alpha   90.00
_cell.angle_beta   90.00
_cell.angle_gamma   90.00
#
_symmetry.space_group_name_H-M   'P 21 21 21'
#
loop_
_entity.id
_entity.type
_entity.pdbx_description
1 polymer 'Cytochrome P-450'
2 non-polymer 'PROTOPORPHYRIN IX CONTAINING FE'
3 water water
#
_entity_poly.entity_id   1
_entity_poly.type   'polypeptide(L)'
_entity_poly.pdbx_seq_one_letter_code
;MGSSHHHHHHSSGLVPRGSHMKDERAPLSYPFNEAVALDVDPLYAKLRAEEPVVRVSCPFGEDAWLVTSHADMKTILADP
RFSRALAAEHDESRLTPLPIHTSILGMDSPDHTRLRRLLAKVFTMRRVELLRPRIEQEADRLIDALIAEGPPGDLMEGFA
VPFAGTVVCDLLGVPFEDREQFRGWLDAFSATTVMTEEEIEADTERLHGYIAQLMVRRRAEPQDDLISAMVKASDEEEKL
SEKELVELASVLLIAGHETVSSQLIDSLHVLFTHPEQLRLLKDRPELMPGTVEELMRFVPLISHVTFARYATEDVELSGT
LVRAGESVLPAIPSANRDESVFENADRFDLTREHNPHLGFGYGIHRCLGAPLARLEMQVALDSLLRRLPELRCAVPAESL
EWKDGMQVRSLLELPVLW
;
_entity_poly.pdbx_strand_id   A
#
# COMPACT_ATOMS: atom_id res chain seq x y z
N PRO A 27 -23.72 1.20 -18.13
CA PRO A 27 -22.74 1.08 -17.06
C PRO A 27 -21.76 2.26 -17.05
N LEU A 28 -21.59 2.89 -15.89
CA LEU A 28 -20.70 4.04 -15.82
C LEU A 28 -19.26 3.63 -16.09
N SER A 29 -18.55 4.47 -16.85
CA SER A 29 -17.14 4.21 -17.07
C SER A 29 -16.36 4.57 -15.81
N TYR A 30 -15.58 3.63 -15.32
CA TYR A 30 -14.81 3.79 -14.11
C TYR A 30 -13.32 3.61 -14.42
N PRO A 31 -12.43 4.41 -13.82
CA PRO A 31 -12.65 5.54 -12.90
C PRO A 31 -13.44 6.71 -13.51
N PHE A 32 -14.31 7.33 -12.71
CA PHE A 32 -15.05 8.50 -13.17
C PHE A 32 -14.10 9.62 -13.57
N ASN A 33 -13.15 9.94 -12.69
CA ASN A 33 -12.18 10.97 -12.97
C ASN A 33 -10.81 10.49 -12.53
N GLU A 34 -9.78 10.93 -13.26
CA GLU A 34 -8.41 10.66 -12.84
C GLU A 34 -8.15 11.31 -11.49
N ALA A 35 -7.47 10.56 -10.61
CA ALA A 35 -7.16 11.07 -9.29
C ALA A 35 -6.29 12.32 -9.37
N VAL A 36 -6.65 13.35 -8.62
CA VAL A 36 -5.89 14.59 -8.55
C VAL A 36 -5.40 14.78 -7.12
N ALA A 37 -4.10 15.03 -6.98
CA ALA A 37 -3.41 15.16 -5.69
C ALA A 37 -3.99 14.19 -4.68
N LEU A 38 -4.46 14.69 -3.54
CA LEU A 38 -5.21 13.87 -2.59
C LEU A 38 -6.68 14.24 -2.55
N ASP A 39 -7.17 14.95 -3.55
CA ASP A 39 -8.60 15.22 -3.61
C ASP A 39 -9.36 13.92 -3.80
N VAL A 40 -10.42 13.76 -3.03
CA VAL A 40 -11.37 12.67 -3.22
C VAL A 40 -12.46 13.13 -4.17
N ASP A 41 -12.83 12.26 -5.10
CA ASP A 41 -13.89 12.54 -6.05
C ASP A 41 -15.23 12.70 -5.32
N PRO A 42 -15.90 13.85 -5.40
CA PRO A 42 -17.15 14.02 -4.65
C PRO A 42 -18.20 12.97 -4.95
N LEU A 43 -18.10 12.26 -6.08
CA LEU A 43 -19.08 11.24 -6.42
C LEU A 43 -19.20 10.17 -5.34
N TYR A 44 -18.08 9.80 -4.70
CA TYR A 44 -18.13 8.73 -3.71
C TYR A 44 -19.11 9.06 -2.59
N ALA A 45 -19.09 10.29 -2.09
CA ALA A 45 -20.02 10.66 -1.03
C ALA A 45 -21.46 10.63 -1.53
N LYS A 46 -21.67 11.08 -2.77
CA LYS A 46 -22.98 10.96 -3.41
C LYS A 46 -23.41 9.51 -3.50
N LEU A 47 -22.50 8.64 -3.96
CA LEU A 47 -22.82 7.22 -4.06
C LEU A 47 -23.09 6.62 -2.68
N ARG A 48 -22.29 7.00 -1.67
CA ARG A 48 -22.49 6.40 -0.36
C ARG A 48 -23.86 6.77 0.19
N ALA A 49 -24.33 7.97 -0.11
CA ALA A 49 -25.61 8.42 0.43
C ALA A 49 -26.78 7.89 -0.38
N GLU A 50 -26.64 7.75 -1.70
CA GLU A 50 -27.76 7.54 -2.60
C GLU A 50 -27.76 6.20 -3.34
N GLU A 51 -26.59 5.64 -3.65
CA GLU A 51 -26.51 4.36 -4.37
C GLU A 51 -25.17 3.69 -4.11
N PRO A 52 -25.00 3.03 -2.96
CA PRO A 52 -23.64 2.63 -2.51
C PRO A 52 -22.94 1.61 -3.39
N VAL A 53 -23.66 0.89 -4.24
CA VAL A 53 -23.10 -0.12 -5.13
C VAL A 53 -23.63 0.18 -6.52
N VAL A 54 -22.74 0.25 -7.50
CA VAL A 54 -23.08 0.75 -8.83
C VAL A 54 -22.31 -0.05 -9.87
N ARG A 55 -22.99 -0.36 -10.98
CA ARG A 55 -22.35 -1.09 -12.07
C ARG A 55 -21.43 -0.16 -12.87
N VAL A 56 -20.24 -0.64 -13.18
CA VAL A 56 -19.27 0.13 -13.96
C VAL A 56 -18.61 -0.77 -14.98
N SER A 57 -18.12 -0.14 -16.05
CA SER A 57 -17.18 -0.79 -16.95
C SER A 57 -15.76 -0.39 -16.56
N CYS A 58 -14.84 -1.32 -16.71
CA CYS A 58 -13.48 -1.12 -16.25
C CYS A 58 -12.56 -0.87 -17.42
N PRO A 59 -11.43 -0.19 -17.20
CA PRO A 59 -10.48 0.00 -18.32
C PRO A 59 -10.05 -1.33 -18.93
N PHE A 60 -10.01 -2.40 -18.15
CA PHE A 60 -9.64 -3.71 -18.67
C PHE A 60 -10.49 -4.77 -18.01
N GLY A 61 -10.69 -5.88 -18.73
CA GLY A 61 -11.49 -6.96 -18.20
C GLY A 61 -12.98 -6.63 -18.09
N GLU A 62 -13.66 -7.54 -17.39
CA GLU A 62 -15.12 -7.53 -17.28
C GLU A 62 -15.64 -6.31 -16.52
N ASP A 63 -16.89 -5.94 -16.82
CA ASP A 63 -17.63 -4.97 -16.03
C ASP A 63 -17.65 -5.41 -14.56
N ALA A 64 -17.91 -4.45 -13.66
CA ALA A 64 -17.91 -4.81 -12.25
C ALA A 64 -18.91 -3.98 -11.45
N TRP A 65 -19.07 -4.36 -10.18
CA TRP A 65 -19.82 -3.56 -9.20
C TRP A 65 -18.82 -2.79 -8.33
N LEU A 66 -18.81 -1.47 -8.47
CA LEU A 66 -18.06 -0.62 -7.54
C LEU A 66 -18.75 -0.61 -6.18
N VAL A 67 -17.98 -0.90 -5.13
CA VAL A 67 -18.50 -0.90 -3.75
C VAL A 67 -17.87 0.26 -2.99
N THR A 68 -18.70 1.07 -2.33
CA THR A 68 -18.23 2.31 -1.72
C THR A 68 -18.32 2.40 -0.21
N SER A 69 -19.08 1.53 0.45
CA SER A 69 -19.39 1.77 1.85
C SER A 69 -18.52 0.90 2.76
N HIS A 70 -18.27 1.43 3.96
CA HIS A 70 -17.45 0.72 4.93
C HIS A 70 -17.99 -0.69 5.20
N ALA A 71 -19.30 -0.80 5.48
CA ALA A 71 -19.89 -2.09 5.82
C ALA A 71 -19.78 -3.08 4.67
N ASP A 72 -20.07 -2.62 3.45
CA ASP A 72 -19.94 -3.51 2.31
C ASP A 72 -18.48 -3.85 2.03
N MET A 73 -17.57 -2.92 2.33
CA MET A 73 -16.14 -3.17 2.14
C MET A 73 -15.69 -4.35 2.99
N LYS A 74 -16.08 -4.37 4.27
CA LYS A 74 -15.74 -5.50 5.12
C LYS A 74 -16.31 -6.80 4.56
N THR A 75 -17.53 -6.76 4.06
CA THR A 75 -18.13 -7.97 3.50
C THR A 75 -17.30 -8.48 2.32
N ILE A 76 -17.04 -7.63 1.33
CA ILE A 76 -16.36 -8.16 0.15
C ILE A 76 -14.90 -8.50 0.43
N LEU A 77 -14.28 -7.88 1.44
CA LEU A 77 -12.90 -8.20 1.75
C LEU A 77 -12.78 -9.46 2.61
N ALA A 78 -13.76 -9.75 3.45
CA ALA A 78 -13.60 -10.84 4.41
C ALA A 78 -14.59 -11.98 4.28
N ASP A 79 -15.75 -11.76 3.66
CA ASP A 79 -16.75 -12.81 3.59
C ASP A 79 -16.31 -13.89 2.61
N PRO A 80 -16.40 -15.16 2.98
CA PRO A 80 -15.88 -16.23 2.09
C PRO A 80 -16.70 -16.42 0.81
N ARG A 81 -17.87 -15.79 0.70
CA ARG A 81 -18.60 -15.76 -0.58
C ARG A 81 -17.92 -14.89 -1.62
N PHE A 82 -16.76 -14.32 -1.34
CA PHE A 82 -16.03 -13.51 -2.30
C PHE A 82 -14.62 -14.07 -2.41
N SER A 83 -14.17 -14.27 -3.65
CA SER A 83 -12.95 -15.02 -3.92
C SER A 83 -11.96 -14.14 -4.69
N ARG A 84 -10.70 -14.18 -4.28
CA ARG A 84 -9.63 -13.64 -5.12
C ARG A 84 -9.19 -14.64 -6.17
N ALA A 85 -9.10 -15.93 -5.82
CA ALA A 85 -8.59 -16.92 -6.77
C ALA A 85 -9.51 -17.10 -7.98
N LEU A 86 -10.81 -16.80 -7.84
CA LEU A 86 -11.73 -16.93 -8.95
C LEU A 86 -11.48 -15.89 -10.05
N ALA A 87 -10.79 -14.79 -9.72
CA ALA A 87 -10.41 -13.82 -10.75
C ALA A 87 -9.67 -14.49 -11.89
N ALA A 88 -8.82 -15.47 -11.55
CA ALA A 88 -8.02 -16.15 -12.53
C ALA A 88 -8.85 -16.87 -13.58
N GLU A 89 -10.10 -17.20 -13.26
CA GLU A 89 -10.99 -17.84 -14.23
C GLU A 89 -11.81 -16.84 -15.01
N HIS A 90 -11.51 -15.55 -14.87
CA HIS A 90 -12.22 -14.50 -15.58
C HIS A 90 -11.20 -13.66 -16.32
N ASP A 91 -11.70 -12.76 -17.17
CA ASP A 91 -10.90 -11.61 -17.59
C ASP A 91 -11.07 -10.54 -16.52
N GLU A 92 -10.15 -10.56 -15.55
CA GLU A 92 -10.36 -9.89 -14.27
C GLU A 92 -10.65 -8.40 -14.44
N SER A 93 -11.80 -7.98 -13.89
CA SER A 93 -12.07 -6.56 -13.69
C SER A 93 -10.87 -5.88 -13.04
N ARG A 94 -10.35 -4.83 -13.68
CA ARG A 94 -9.10 -4.24 -13.22
C ARG A 94 -8.88 -2.89 -13.90
N LEU A 95 -7.92 -2.15 -13.35
CA LEU A 95 -7.48 -0.87 -13.90
C LEU A 95 -6.12 -0.96 -14.56
N THR A 96 -5.41 -2.07 -14.40
CA THR A 96 -4.10 -2.30 -14.98
C THR A 96 -4.23 -3.12 -16.26
N PRO A 97 -3.35 -2.87 -17.24
CA PRO A 97 -3.49 -3.56 -18.55
C PRO A 97 -3.48 -5.08 -18.45
N LEU A 98 -2.67 -5.64 -17.56
CA LEU A 98 -2.66 -7.06 -17.30
C LEU A 98 -3.04 -7.33 -15.84
N PRO A 99 -3.58 -8.51 -15.54
CA PRO A 99 -3.76 -8.89 -14.13
C PRO A 99 -2.42 -8.85 -13.40
N ILE A 100 -2.44 -8.44 -12.16
CA ILE A 100 -1.19 -8.36 -11.43
C ILE A 100 -0.87 -9.72 -10.82
N HIS A 101 0.42 -10.06 -10.75
CA HIS A 101 0.87 -11.27 -10.07
C HIS A 101 0.87 -10.98 -8.59
N THR A 102 -0.26 -11.20 -7.93
CA THR A 102 -0.40 -10.74 -6.56
C THR A 102 -0.07 -11.81 -5.54
N SER A 103 0.39 -12.98 -5.99
CA SER A 103 0.95 -14.02 -5.12
C SER A 103 -0.08 -14.33 -4.04
N ILE A 104 0.28 -14.28 -2.76
CA ILE A 104 -0.64 -14.55 -1.66
C ILE A 104 -1.94 -13.75 -1.75
N LEU A 105 -1.89 -12.53 -2.30
CA LEU A 105 -3.10 -11.71 -2.36
C LEU A 105 -4.04 -12.12 -3.48
N GLY A 106 -3.64 -13.07 -4.32
CA GLY A 106 -4.52 -13.63 -5.33
C GLY A 106 -5.03 -15.02 -5.02
N MET A 107 -4.87 -15.51 -3.79
CA MET A 107 -5.22 -16.88 -3.48
C MET A 107 -6.38 -16.95 -2.48
N ASP A 108 -7.08 -18.08 -2.52
CA ASP A 108 -8.02 -18.47 -1.48
C ASP A 108 -7.42 -19.63 -0.68
N SER A 109 -8.12 -20.03 0.38
CA SER A 109 -7.84 -21.33 0.99
C SER A 109 -8.01 -22.43 -0.07
N PRO A 110 -7.15 -23.45 -0.07
CA PRO A 110 -6.13 -23.60 0.98
C PRO A 110 -4.79 -22.96 0.65
N ASP A 111 -4.53 -22.64 -0.61
CA ASP A 111 -3.20 -22.15 -0.96
C ASP A 111 -2.85 -20.87 -0.22
N HIS A 112 -3.85 -20.03 0.06
CA HIS A 112 -3.57 -18.80 0.80
C HIS A 112 -3.11 -19.11 2.21
N THR A 113 -3.83 -20.00 2.89
CA THR A 113 -3.44 -20.41 4.24
C THR A 113 -1.99 -20.86 4.25
N ARG A 114 -1.58 -21.62 3.23
CA ARG A 114 -0.22 -22.15 3.18
C ARG A 114 0.82 -21.02 3.17
N LEU A 115 0.65 -20.05 2.26
CA LEU A 115 1.61 -18.94 2.21
C LEU A 115 1.49 -18.03 3.41
N ARG A 116 0.28 -17.74 3.86
CA ARG A 116 0.12 -16.91 5.05
C ARG A 116 0.88 -17.50 6.24
N ARG A 117 0.86 -18.82 6.36
CA ARG A 117 1.51 -19.46 7.51
C ARG A 117 3.02 -19.39 7.39
N LEU A 118 3.56 -19.80 6.25
CA LEU A 118 5.00 -19.71 6.04
C LEU A 118 5.48 -18.29 6.32
N LEU A 119 4.76 -17.32 5.76
CA LEU A 119 5.17 -15.93 5.92
C LEU A 119 5.08 -15.49 7.36
N ALA A 120 3.93 -15.74 7.99
CA ALA A 120 3.80 -15.37 9.40
C ALA A 120 4.93 -15.97 10.23
N LYS A 121 5.25 -17.25 10.00
CA LYS A 121 6.26 -17.91 10.81
C LYS A 121 7.63 -17.23 10.71
N VAL A 122 7.95 -16.61 9.57
CA VAL A 122 9.28 -15.99 9.41
C VAL A 122 9.18 -14.48 9.63
N PHE A 123 8.03 -13.91 9.32
CA PHE A 123 7.81 -12.47 9.36
C PHE A 123 7.07 -12.15 10.66
N THR A 124 7.77 -12.37 11.77
CA THR A 124 7.18 -12.33 13.11
C THR A 124 7.19 -10.91 13.68
N MET A 125 6.36 -10.69 14.70
CA MET A 125 6.38 -9.42 15.39
C MET A 125 7.74 -9.20 16.08
N ARG A 126 8.30 -10.25 16.66
CA ARG A 126 9.64 -10.14 17.26
C ARG A 126 10.68 -9.67 16.25
N ARG A 127 10.68 -10.23 15.04
CA ARG A 127 11.64 -9.79 14.03
C ARG A 127 11.48 -8.30 13.72
N VAL A 128 10.24 -7.84 13.59
CA VAL A 128 9.96 -6.44 13.27
C VAL A 128 10.41 -5.53 14.40
N GLU A 129 9.96 -5.82 15.64
CA GLU A 129 10.33 -4.98 16.76
C GLU A 129 11.85 -4.91 16.92
N LEU A 130 12.57 -5.98 16.60
CA LEU A 130 14.02 -5.95 16.70
C LEU A 130 14.66 -5.11 15.59
N LEU A 131 13.89 -4.71 14.59
CA LEU A 131 14.43 -3.79 13.60
C LEU A 131 14.45 -2.35 14.11
N ARG A 132 13.75 -2.05 15.22
CA ARG A 132 13.55 -0.66 15.61
C ARG A 132 14.85 0.13 15.74
N PRO A 133 15.92 -0.37 16.37
CA PRO A 133 17.14 0.46 16.46
C PRO A 133 17.73 0.79 15.10
N ARG A 134 17.71 -0.14 14.15
CA ARG A 134 18.22 0.13 12.81
C ARG A 134 17.34 1.12 12.06
N ILE A 135 16.01 0.96 12.20
CA ILE A 135 15.09 1.89 11.55
C ILE A 135 15.30 3.29 12.10
N GLU A 136 15.38 3.42 13.43
CA GLU A 136 15.61 4.74 14.02
C GLU A 136 16.94 5.31 13.56
N GLN A 137 17.99 4.48 13.52
CA GLN A 137 19.29 4.95 13.07
C GLN A 137 19.26 5.41 11.61
N GLU A 138 18.55 4.66 10.75
CA GLU A 138 18.45 5.07 9.35
C GLU A 138 17.75 6.41 9.20
N ALA A 139 16.67 6.64 9.97
CA ALA A 139 15.98 7.93 9.92
C ALA A 139 16.90 9.05 10.37
N ASP A 140 17.66 8.82 11.45
CA ASP A 140 18.63 9.84 11.86
C ASP A 140 19.67 10.09 10.78
N ARG A 141 20.17 9.03 10.13
CA ARG A 141 21.21 9.21 9.10
C ARG A 141 20.68 9.96 7.90
N LEU A 142 19.41 9.73 7.54
CA LEU A 142 18.84 10.48 6.42
C LEU A 142 18.66 11.95 6.77
N ILE A 143 18.23 12.25 7.99
CA ILE A 143 18.13 13.65 8.41
C ILE A 143 19.51 14.28 8.48
N ASP A 144 20.54 13.53 8.93
CA ASP A 144 21.90 14.09 8.93
C ASP A 144 22.30 14.57 7.55
N ALA A 145 21.99 13.78 6.53
CA ALA A 145 22.36 14.14 5.16
C ALA A 145 21.55 15.32 4.65
N LEU A 146 20.27 15.37 4.99
CA LEU A 146 19.45 16.51 4.60
C LEU A 146 20.05 17.81 5.13
N ILE A 147 20.40 17.83 6.42
CA ILE A 147 20.97 19.02 7.04
C ILE A 147 22.31 19.37 6.38
N ALA A 148 23.17 18.36 6.17
CA ALA A 148 24.48 18.61 5.55
C ALA A 148 24.34 19.22 4.15
N GLU A 149 23.33 18.79 3.40
CA GLU A 149 23.13 19.27 2.03
C GLU A 149 22.38 20.60 1.97
N GLY A 150 21.73 21.02 3.05
CA GLY A 150 21.14 22.34 3.13
C GLY A 150 19.76 22.42 2.50
N PRO A 151 18.95 23.37 2.98
CA PRO A 151 17.61 23.52 2.46
C PRO A 151 17.63 24.16 1.09
N PRO A 152 16.62 23.89 0.23
CA PRO A 152 15.51 22.99 0.56
C PRO A 152 15.82 21.51 0.29
N GLY A 153 15.25 20.64 1.12
CA GLY A 153 15.38 19.22 0.93
C GLY A 153 14.14 18.63 0.28
N ASP A 154 14.29 17.45 -0.29
CA ASP A 154 13.17 16.72 -0.89
C ASP A 154 12.84 15.56 0.03
N LEU A 155 11.79 15.71 0.82
CA LEU A 155 11.36 14.62 1.70
C LEU A 155 10.99 13.35 0.95
N MET A 156 10.82 13.39 -0.38
CA MET A 156 10.52 12.17 -1.14
C MET A 156 11.78 11.39 -1.47
N GLU A 157 12.59 11.90 -2.42
CA GLU A 157 13.83 11.25 -2.81
C GLU A 157 14.92 11.36 -1.74
N GLY A 158 14.82 12.34 -0.85
CA GLY A 158 15.78 12.52 0.21
C GLY A 158 15.34 12.03 1.56
N PHE A 159 14.13 11.47 1.69
CA PHE A 159 13.80 10.79 2.93
C PHE A 159 12.92 9.55 2.72
N ALA A 160 11.68 9.74 2.27
CA ALA A 160 10.69 8.65 2.32
C ALA A 160 11.13 7.48 1.46
N VAL A 161 11.61 7.76 0.26
CA VAL A 161 12.04 6.72 -0.68
C VAL A 161 13.22 5.94 -0.09
N PRO A 162 14.36 6.57 0.24
CA PRO A 162 15.47 5.78 0.79
C PRO A 162 15.19 5.21 2.18
N PHE A 163 14.28 5.81 2.95
CA PHE A 163 13.97 5.28 4.27
C PHE A 163 13.23 3.96 4.13
N ALA A 164 12.11 3.97 3.40
CA ALA A 164 11.38 2.74 3.12
C ALA A 164 12.25 1.73 2.39
N GLY A 165 13.06 2.21 1.43
CA GLY A 165 13.89 1.31 0.64
C GLY A 165 14.90 0.57 1.48
N THR A 166 15.68 1.29 2.28
CA THR A 166 16.69 0.62 3.11
C THR A 166 16.06 -0.29 4.15
N VAL A 167 14.85 0.04 4.63
CA VAL A 167 14.22 -0.78 5.67
C VAL A 167 13.74 -2.11 5.08
N VAL A 168 13.00 -2.06 3.97
CA VAL A 168 12.53 -3.30 3.36
C VAL A 168 13.70 -4.09 2.76
N CYS A 169 14.67 -3.39 2.16
CA CYS A 169 15.84 -4.11 1.63
C CYS A 169 16.57 -4.84 2.75
N ASP A 170 16.69 -4.22 3.92
CA ASP A 170 17.35 -4.87 5.04
C ASP A 170 16.55 -6.09 5.50
N LEU A 171 15.24 -5.93 5.64
CA LEU A 171 14.37 -7.02 6.10
C LEU A 171 14.30 -8.15 5.08
N LEU A 172 14.04 -7.83 3.81
CA LEU A 172 13.90 -8.87 2.81
C LEU A 172 15.23 -9.54 2.49
N GLY A 173 16.31 -8.77 2.44
CA GLY A 173 17.57 -9.28 1.92
C GLY A 173 17.86 -8.94 0.48
N VAL A 174 17.03 -8.12 -0.17
CA VAL A 174 17.35 -7.53 -1.47
C VAL A 174 18.40 -6.45 -1.21
N PRO A 175 19.58 -6.51 -1.84
CA PRO A 175 20.58 -5.45 -1.58
C PRO A 175 20.06 -4.08 -2.02
N PHE A 176 20.12 -3.13 -1.10
CA PHE A 176 19.73 -1.75 -1.44
C PHE A 176 20.65 -1.17 -2.50
N GLU A 177 21.90 -1.63 -2.57
CA GLU A 177 22.82 -1.15 -3.59
C GLU A 177 22.39 -1.52 -5.01
N ASP A 178 21.45 -2.46 -5.15
CA ASP A 178 20.88 -2.87 -6.43
C ASP A 178 19.65 -2.06 -6.83
N ARG A 179 19.26 -1.09 -6.00
CA ARG A 179 18.08 -0.27 -6.28
C ARG A 179 18.15 0.37 -7.67
N GLU A 180 19.35 0.77 -8.09
CA GLU A 180 19.49 1.38 -9.40
C GLU A 180 19.06 0.41 -10.51
N GLN A 181 19.21 -0.90 -10.29
CA GLN A 181 18.71 -1.87 -11.25
C GLN A 181 17.22 -2.14 -11.07
N PHE A 182 16.78 -2.48 -9.85
CA PHE A 182 15.43 -3.01 -9.71
C PHE A 182 14.38 -1.90 -9.62
N ARG A 183 14.72 -0.71 -9.12
CA ARG A 183 13.70 0.29 -8.88
C ARG A 183 12.91 0.60 -10.13
N GLY A 184 13.56 0.51 -11.29
CA GLY A 184 12.90 0.77 -12.55
C GLY A 184 11.87 -0.26 -12.96
N TRP A 185 11.86 -1.43 -12.34
CA TRP A 185 10.89 -2.44 -12.73
C TRP A 185 9.61 -2.42 -11.87
N LEU A 186 9.60 -1.66 -10.78
CA LEU A 186 8.50 -1.77 -9.81
C LEU A 186 7.19 -1.24 -10.37
N ASP A 187 7.23 -0.14 -11.16
CA ASP A 187 6.02 0.46 -11.71
C ASP A 187 5.17 -0.54 -12.47
N ALA A 188 5.79 -1.55 -13.09
CA ALA A 188 5.03 -2.56 -13.82
C ALA A 188 3.93 -3.21 -12.95
N PHE A 189 4.15 -3.30 -11.65
CA PHE A 189 3.18 -3.94 -10.78
C PHE A 189 2.03 -3.02 -10.41
N SER A 190 2.09 -1.76 -10.79
CA SER A 190 1.15 -0.78 -10.32
C SER A 190 0.60 0.12 -11.42
N ALA A 191 1.17 0.12 -12.62
CA ALA A 191 0.84 1.12 -13.64
C ALA A 191 -0.52 0.84 -14.27
N THR A 192 -1.31 1.90 -14.45
CA THR A 192 -2.64 1.78 -15.04
C THR A 192 -2.64 2.19 -16.51
N THR A 193 -2.35 3.45 -16.78
CA THR A 193 -2.45 3.99 -18.13
C THR A 193 -1.11 4.22 -18.82
N VAL A 194 0.00 4.17 -18.09
CA VAL A 194 1.23 4.76 -18.58
C VAL A 194 2.22 3.74 -19.15
N MET A 195 1.98 2.43 -18.98
CA MET A 195 2.84 1.39 -19.56
C MET A 195 2.03 0.47 -20.46
N THR A 196 2.67 -0.05 -21.51
CA THR A 196 2.05 -1.06 -22.35
C THR A 196 2.17 -2.45 -21.73
N GLU A 197 1.29 -3.36 -22.19
CA GLU A 197 1.40 -4.77 -21.83
C GLU A 197 2.83 -5.26 -22.00
N GLU A 198 3.44 -4.97 -23.16
CA GLU A 198 4.77 -5.45 -23.50
C GLU A 198 5.81 -4.99 -22.49
N GLU A 199 5.69 -3.75 -22.03
CA GLU A 199 6.63 -3.24 -21.03
C GLU A 199 6.34 -3.83 -19.65
N ILE A 200 5.05 -3.99 -19.31
CA ILE A 200 4.68 -4.59 -18.04
C ILE A 200 5.22 -6.03 -17.95
N GLU A 201 5.02 -6.82 -19.01
CA GLU A 201 5.53 -8.18 -19.03
C GLU A 201 7.04 -8.23 -18.91
N ALA A 202 7.73 -7.44 -19.74
CA ALA A 202 9.19 -7.39 -19.69
C ALA A 202 9.70 -7.03 -18.30
N ASP A 203 9.21 -5.91 -17.74
CA ASP A 203 9.66 -5.49 -16.42
C ASP A 203 9.24 -6.48 -15.34
N THR A 204 8.09 -7.13 -15.49
CA THR A 204 7.71 -8.17 -14.55
C THR A 204 8.70 -9.33 -14.61
N GLU A 205 9.04 -9.78 -15.83
CA GLU A 205 10.05 -10.80 -15.97
C GLU A 205 11.37 -10.37 -15.33
N ARG A 206 11.79 -9.13 -15.58
CA ARG A 206 13.07 -8.69 -15.05
C ARG A 206 13.11 -8.79 -13.53
N LEU A 207 12.05 -8.32 -12.86
CA LEU A 207 12.04 -8.38 -11.40
C LEU A 207 12.02 -9.82 -10.91
N HIS A 208 11.13 -10.64 -11.46
CA HIS A 208 11.05 -12.05 -11.10
C HIS A 208 12.41 -12.73 -11.28
N GLY A 209 13.06 -12.50 -12.41
CA GLY A 209 14.35 -13.10 -12.67
C GLY A 209 15.45 -12.55 -11.78
N TYR A 210 15.36 -11.28 -11.41
CA TYR A 210 16.32 -10.73 -10.46
C TYR A 210 16.19 -11.41 -9.08
N ILE A 211 14.96 -11.59 -8.60
CA ILE A 211 14.76 -12.24 -7.30
C ILE A 211 15.19 -13.71 -7.35
N ALA A 212 14.91 -14.40 -8.45
CA ALA A 212 15.30 -15.80 -8.56
C ALA A 212 16.81 -15.96 -8.43
N GLN A 213 17.58 -15.07 -9.05
CA GLN A 213 19.03 -15.14 -8.89
C GLN A 213 19.42 -14.90 -7.45
N LEU A 214 18.83 -13.88 -6.82
CA LEU A 214 19.06 -13.66 -5.40
C LEU A 214 18.78 -14.92 -4.58
N MET A 215 17.71 -15.64 -4.91
CA MET A 215 17.35 -16.81 -4.14
C MET A 215 18.42 -17.90 -4.20
N VAL A 216 19.11 -18.04 -5.34
CA VAL A 216 20.17 -19.05 -5.44
C VAL A 216 21.29 -18.75 -4.46
N ARG A 217 21.72 -17.49 -4.40
CA ARG A 217 22.72 -17.07 -3.42
C ARG A 217 22.22 -17.32 -1.99
N ARG A 218 20.98 -16.88 -1.67
CA ARG A 218 20.48 -17.00 -0.31
C ARG A 218 20.22 -18.44 0.10
N ARG A 219 19.88 -19.31 -0.85
CA ARG A 219 19.75 -20.73 -0.51
C ARG A 219 21.09 -21.31 -0.06
N ALA A 220 22.17 -20.98 -0.76
CA ALA A 220 23.49 -21.50 -0.47
C ALA A 220 24.18 -20.76 0.67
N GLU A 221 23.77 -19.53 0.94
CA GLU A 221 24.51 -18.66 1.85
C GLU A 221 23.50 -17.81 2.61
N PRO A 222 22.77 -18.41 3.55
CA PRO A 222 21.68 -17.70 4.24
C PRO A 222 22.17 -16.49 5.02
N GLN A 223 21.36 -15.43 5.02
CA GLN A 223 21.61 -14.26 5.84
C GLN A 223 20.41 -14.09 6.77
N ASP A 224 20.50 -13.09 7.65
CA ASP A 224 19.38 -12.78 8.54
C ASP A 224 18.39 -11.88 7.80
N ASP A 225 17.60 -12.49 6.94
CA ASP A 225 16.60 -11.76 6.17
C ASP A 225 15.49 -12.73 5.78
N LEU A 226 14.41 -12.16 5.24
CA LEU A 226 13.20 -12.93 4.96
C LEU A 226 13.35 -13.86 3.77
N ILE A 227 14.11 -13.48 2.74
CA ILE A 227 14.27 -14.38 1.62
C ILE A 227 14.98 -15.65 2.06
N SER A 228 15.99 -15.51 2.92
CA SER A 228 16.72 -16.67 3.42
C SER A 228 15.82 -17.56 4.24
N ALA A 229 15.06 -16.96 5.17
CA ALA A 229 14.14 -17.72 6.02
C ALA A 229 13.06 -18.41 5.19
N MET A 230 12.52 -17.69 4.20
CA MET A 230 11.49 -18.29 3.35
C MET A 230 12.06 -19.47 2.56
N VAL A 231 13.24 -19.31 1.99
CA VAL A 231 13.84 -20.41 1.24
C VAL A 231 14.04 -21.61 2.15
N LYS A 232 14.56 -21.37 3.37
CA LYS A 232 14.81 -22.45 4.32
C LYS A 232 13.52 -23.17 4.70
N ALA A 233 12.48 -22.41 5.08
CA ALA A 233 11.20 -23.02 5.42
C ALA A 233 10.62 -23.79 4.25
N SER A 234 10.63 -23.18 3.06
CA SER A 234 10.08 -23.87 1.90
C SER A 234 10.90 -25.12 1.56
N ASP A 235 12.23 -25.02 1.58
CA ASP A 235 13.07 -26.16 1.18
C ASP A 235 12.88 -27.32 2.15
N GLU A 236 12.89 -27.04 3.45
CA GLU A 236 12.85 -28.06 4.49
C GLU A 236 11.45 -28.61 4.72
N GLU A 237 10.45 -28.06 4.05
CA GLU A 237 9.13 -28.66 4.05
C GLU A 237 8.53 -28.81 2.65
N GLU A 238 9.29 -28.49 1.59
CA GLU A 238 8.77 -28.44 0.22
C GLU A 238 7.41 -27.74 0.19
N LYS A 239 7.31 -26.66 0.96
CA LYS A 239 6.03 -25.97 1.10
C LYS A 239 5.66 -25.16 -0.14
N LEU A 240 6.65 -24.63 -0.86
CA LEU A 240 6.39 -23.68 -1.94
C LEU A 240 7.28 -23.96 -3.13
N SER A 241 6.76 -23.69 -4.33
CA SER A 241 7.53 -23.78 -5.54
C SER A 241 8.42 -22.55 -5.70
N GLU A 242 9.47 -22.70 -6.51
CA GLU A 242 10.40 -21.60 -6.71
C GLU A 242 9.67 -20.35 -7.21
N LYS A 243 8.79 -20.52 -8.19
CA LYS A 243 8.03 -19.38 -8.73
C LYS A 243 7.14 -18.73 -7.66
N GLU A 244 6.53 -19.54 -6.78
CA GLU A 244 5.73 -18.94 -5.71
C GLU A 244 6.59 -18.09 -4.78
N LEU A 245 7.78 -18.60 -4.42
CA LEU A 245 8.70 -17.84 -3.58
C LEU A 245 9.12 -16.55 -4.27
N VAL A 246 9.40 -16.62 -5.57
CA VAL A 246 9.80 -15.42 -6.30
C VAL A 246 8.70 -14.38 -6.27
N GLU A 247 7.49 -14.76 -6.69
CA GLU A 247 6.39 -13.82 -6.75
C GLU A 247 6.05 -13.26 -5.38
N LEU A 248 6.20 -14.06 -4.31
CA LEU A 248 5.86 -13.59 -2.97
C LEU A 248 6.87 -12.57 -2.48
N ALA A 249 8.16 -12.86 -2.66
CA ALA A 249 9.20 -11.89 -2.31
C ALA A 249 9.08 -10.61 -3.13
N SER A 250 8.66 -10.73 -4.39
CA SER A 250 8.46 -9.54 -5.22
C SER A 250 7.38 -8.63 -4.63
N VAL A 251 6.22 -9.20 -4.24
CA VAL A 251 5.19 -8.33 -3.69
C VAL A 251 5.65 -7.70 -2.38
N LEU A 252 6.47 -8.39 -1.60
CA LEU A 252 6.98 -7.81 -0.35
C LEU A 252 7.91 -6.65 -0.63
N LEU A 253 8.77 -6.79 -1.66
CA LEU A 253 9.64 -5.70 -2.06
C LEU A 253 8.81 -4.49 -2.50
N ILE A 254 7.77 -4.72 -3.29
CA ILE A 254 6.95 -3.62 -3.78
C ILE A 254 6.22 -2.93 -2.63
N ALA A 255 5.60 -3.72 -1.74
CA ALA A 255 4.88 -3.13 -0.61
C ALA A 255 5.81 -2.33 0.29
N GLY A 256 6.98 -2.88 0.62
CA GLY A 256 7.92 -2.13 1.44
C GLY A 256 8.49 -0.91 0.74
N HIS A 257 8.80 -1.03 -0.55
CA HIS A 257 9.46 0.08 -1.25
C HIS A 257 8.47 1.13 -1.71
N GLU A 258 7.43 0.71 -2.44
CA GLU A 258 6.51 1.67 -3.03
C GLU A 258 5.38 2.08 -2.09
N THR A 259 4.65 1.13 -1.51
CA THR A 259 3.50 1.48 -0.68
C THR A 259 3.89 2.28 0.56
N VAL A 260 4.98 1.89 1.24
CA VAL A 260 5.35 2.60 2.45
C VAL A 260 5.78 4.03 2.13
N SER A 261 6.62 4.20 1.09
CA SER A 261 7.09 5.56 0.79
C SER A 261 5.96 6.43 0.27
N SER A 262 5.01 5.85 -0.46
CA SER A 262 3.83 6.60 -0.91
C SER A 262 2.98 7.09 0.26
N GLN A 263 2.64 6.20 1.19
CA GLN A 263 1.84 6.58 2.34
C GLN A 263 2.57 7.62 3.20
N LEU A 264 3.90 7.47 3.33
CA LEU A 264 4.65 8.37 4.19
C LEU A 264 4.70 9.79 3.59
N ILE A 265 5.05 9.90 2.30
CA ILE A 265 5.11 11.22 1.69
C ILE A 265 3.73 11.86 1.66
N ASP A 266 2.70 11.06 1.39
CA ASP A 266 1.35 11.60 1.36
C ASP A 266 0.96 12.11 2.73
N SER A 267 1.38 11.40 3.78
CA SER A 267 1.04 11.77 5.16
C SER A 267 1.72 13.07 5.56
N LEU A 268 2.97 13.27 5.10
CA LEU A 268 3.66 14.54 5.32
C LEU A 268 2.94 15.69 4.64
N HIS A 269 2.41 15.46 3.43
CA HIS A 269 1.61 16.46 2.76
C HIS A 269 0.35 16.82 3.56
N VAL A 270 -0.35 15.80 4.06
CA VAL A 270 -1.53 16.03 4.89
C VAL A 270 -1.15 16.88 6.11
N LEU A 271 -0.04 16.56 6.75
CA LEU A 271 0.35 17.31 7.95
C LEU A 271 0.69 18.75 7.61
N PHE A 272 1.45 18.97 6.54
CA PHE A 272 1.78 20.34 6.14
C PHE A 272 0.52 21.11 5.74
N THR A 273 -0.43 20.44 5.10
CA THR A 273 -1.65 21.11 4.67
C THR A 273 -2.70 21.19 5.76
N HIS A 274 -2.48 20.57 6.92
CA HIS A 274 -3.29 20.80 8.11
C HIS A 274 -2.38 21.24 9.25
N PRO A 275 -1.81 22.44 9.16
CA PRO A 275 -0.78 22.86 10.13
C PRO A 275 -1.23 22.78 11.58
N GLU A 276 -2.53 22.96 11.85
CA GLU A 276 -3.01 22.94 13.22
C GLU A 276 -2.86 21.57 13.84
N GLN A 277 -3.12 20.51 13.07
CA GLN A 277 -2.87 19.16 13.56
C GLN A 277 -1.38 18.92 13.72
N LEU A 278 -0.55 19.49 12.84
CA LEU A 278 0.90 19.32 12.94
C LEU A 278 1.45 19.96 14.21
N ARG A 279 1.02 21.19 14.53
CA ARG A 279 1.43 21.82 15.78
C ARG A 279 1.01 20.98 16.97
N LEU A 280 -0.18 20.40 16.93
CA LEU A 280 -0.64 19.53 18.01
C LEU A 280 0.27 18.31 18.17
N LEU A 281 0.59 17.64 17.07
CA LEU A 281 1.45 16.46 17.15
C LEU A 281 2.83 16.82 17.71
N LYS A 282 3.38 17.96 17.28
CA LYS A 282 4.69 18.37 17.79
C LYS A 282 4.62 18.67 19.28
N ASP A 283 3.50 19.20 19.75
CA ASP A 283 3.36 19.52 21.15
C ASP A 283 3.00 18.29 21.99
N ARG A 284 2.30 17.30 21.42
CA ARG A 284 1.86 16.12 22.15
C ARG A 284 2.32 14.86 21.43
N PRO A 285 3.63 14.57 21.45
CA PRO A 285 4.15 13.39 20.73
C PRO A 285 3.54 12.06 21.15
N GLU A 286 2.92 11.97 22.33
CA GLU A 286 2.23 10.74 22.70
C GLU A 286 1.01 10.47 21.83
N LEU A 287 0.63 11.40 20.95
CA LEU A 287 -0.48 11.21 20.02
C LEU A 287 -0.08 10.42 18.78
N MET A 288 1.21 10.20 18.57
CA MET A 288 1.70 9.58 17.35
C MET A 288 0.98 8.31 16.97
N PRO A 289 0.72 7.35 17.87
CA PRO A 289 0.12 6.09 17.40
C PRO A 289 -1.26 6.27 16.81
N GLY A 290 -2.11 7.07 17.46
CA GLY A 290 -3.38 7.42 16.89
C GLY A 290 -3.26 8.29 15.66
N THR A 291 -2.19 9.09 15.58
CA THR A 291 -1.96 9.92 14.39
C THR A 291 -1.68 9.05 13.17
N VAL A 292 -0.83 8.03 13.31
CA VAL A 292 -0.53 7.14 12.20
C VAL A 292 -1.80 6.43 11.72
N GLU A 293 -2.65 5.98 12.67
CA GLU A 293 -3.91 5.34 12.28
C GLU A 293 -4.82 6.32 11.54
N GLU A 294 -4.90 7.57 12.01
CA GLU A 294 -5.73 8.54 11.30
C GLU A 294 -5.18 8.85 9.91
N LEU A 295 -3.85 8.83 9.76
CA LEU A 295 -3.25 9.04 8.46
C LEU A 295 -3.58 7.88 7.52
N MET A 296 -3.57 6.65 8.05
CA MET A 296 -3.94 5.47 7.28
C MET A 296 -5.35 5.57 6.74
N ARG A 297 -6.26 6.08 7.58
CA ARG A 297 -7.66 6.29 7.17
C ARG A 297 -7.78 7.46 6.20
N PHE A 298 -7.22 8.61 6.57
CA PHE A 298 -7.58 9.85 5.87
C PHE A 298 -6.90 9.94 4.52
N VAL A 299 -5.62 9.54 4.43
CA VAL A 299 -4.91 9.56 3.16
C VAL A 299 -5.67 8.63 2.20
N PRO A 300 -6.15 9.13 1.06
CA PRO A 300 -6.79 8.24 0.06
C PRO A 300 -5.73 7.54 -0.77
N LEU A 301 -4.95 6.69 -0.09
CA LEU A 301 -3.71 6.17 -0.67
C LEU A 301 -3.98 5.41 -1.95
N ILE A 302 -4.86 4.41 -1.88
CA ILE A 302 -5.28 3.71 -3.08
C ILE A 302 -5.98 4.70 -4.00
N SER A 303 -5.50 4.78 -5.24
CA SER A 303 -6.01 5.81 -6.15
C SER A 303 -7.50 5.64 -6.42
N HIS A 304 -7.99 4.40 -6.45
CA HIS A 304 -9.37 4.13 -6.83
C HIS A 304 -9.91 2.91 -6.08
N VAL A 305 -9.43 1.71 -6.43
CA VAL A 305 -9.87 0.46 -5.81
C VAL A 305 -8.66 -0.42 -5.60
N THR A 306 -8.78 -1.35 -4.66
CA THR A 306 -7.82 -2.44 -4.62
C THR A 306 -8.30 -3.54 -5.56
N PHE A 307 -7.73 -4.72 -5.46
CA PHE A 307 -7.98 -5.79 -6.40
C PHE A 307 -9.40 -6.36 -6.26
N ALA A 308 -9.94 -6.79 -7.40
CA ALA A 308 -11.33 -7.22 -7.49
C ALA A 308 -11.54 -8.59 -6.86
N ARG A 309 -12.71 -8.78 -6.29
CA ARG A 309 -13.14 -10.11 -5.89
C ARG A 309 -14.29 -10.56 -6.77
N TYR A 310 -14.52 -11.87 -6.80
CA TYR A 310 -15.66 -12.45 -7.51
C TYR A 310 -16.56 -13.17 -6.53
N ALA A 311 -17.87 -12.94 -6.66
CA ALA A 311 -18.85 -13.62 -5.82
C ALA A 311 -18.99 -15.09 -6.22
N THR A 312 -18.94 -15.98 -5.23
CA THR A 312 -19.17 -17.40 -5.44
C THR A 312 -20.65 -17.76 -5.40
N GLU A 313 -21.48 -16.87 -4.88
CA GLU A 313 -22.92 -17.04 -4.81
C GLU A 313 -23.53 -15.65 -4.76
N ASP A 314 -24.83 -15.59 -4.92
CA ASP A 314 -25.49 -14.30 -4.91
C ASP A 314 -25.40 -13.67 -3.53
N VAL A 315 -25.20 -12.36 -3.50
CA VAL A 315 -25.10 -11.58 -2.28
C VAL A 315 -25.69 -10.22 -2.55
N GLU A 316 -26.54 -9.74 -1.64
CA GLU A 316 -27.07 -8.39 -1.76
C GLU A 316 -26.21 -7.42 -0.95
N LEU A 317 -25.91 -6.27 -1.54
CA LEU A 317 -25.08 -5.26 -0.88
C LEU A 317 -25.75 -3.91 -1.05
N SER A 318 -26.16 -3.30 0.06
CA SER A 318 -26.76 -1.96 0.06
C SER A 318 -27.86 -1.84 -1.00
N GLY A 319 -28.64 -2.90 -1.16
CA GLY A 319 -29.78 -2.88 -2.05
C GLY A 319 -29.53 -3.42 -3.44
N THR A 320 -28.27 -3.70 -3.79
CA THR A 320 -27.94 -4.17 -5.12
C THR A 320 -27.61 -5.65 -5.05
N LEU A 321 -28.24 -6.44 -5.91
CA LEU A 321 -27.97 -7.87 -5.97
C LEU A 321 -26.72 -8.09 -6.79
N VAL A 322 -25.71 -8.68 -6.17
CA VAL A 322 -24.49 -9.10 -6.86
C VAL A 322 -24.61 -10.58 -7.12
N ARG A 323 -24.65 -10.96 -8.39
CA ARG A 323 -24.91 -12.37 -8.70
C ARG A 323 -23.61 -13.16 -8.73
N ALA A 324 -23.75 -14.48 -8.58
CA ALA A 324 -22.62 -15.38 -8.58
C ALA A 324 -21.85 -15.27 -9.89
N GLY A 325 -20.52 -15.13 -9.78
CA GLY A 325 -19.67 -14.92 -10.93
C GLY A 325 -19.43 -13.47 -11.30
N GLU A 326 -20.08 -12.53 -10.63
CA GLU A 326 -19.85 -11.13 -10.91
C GLU A 326 -18.83 -10.56 -9.93
N SER A 327 -18.12 -9.54 -10.38
CA SER A 327 -16.97 -9.01 -9.66
C SER A 327 -17.37 -7.78 -8.86
N VAL A 328 -16.60 -7.51 -7.80
CA VAL A 328 -16.76 -6.33 -6.96
C VAL A 328 -15.42 -5.60 -6.89
N LEU A 329 -15.46 -4.26 -7.01
CA LEU A 329 -14.25 -3.44 -6.85
C LEU A 329 -14.26 -2.78 -5.48
N PRO A 330 -13.29 -3.10 -4.61
CA PRO A 330 -13.32 -2.53 -3.24
C PRO A 330 -12.66 -1.16 -3.14
N ALA A 331 -13.47 -0.12 -3.07
CA ALA A 331 -12.97 1.25 -3.01
C ALA A 331 -12.64 1.63 -1.56
N ILE A 332 -11.59 0.98 -1.06
CA ILE A 332 -11.19 1.14 0.34
C ILE A 332 -11.14 2.61 0.78
N PRO A 333 -10.52 3.55 0.06
CA PRO A 333 -10.53 4.95 0.52
C PRO A 333 -11.91 5.53 0.72
N SER A 334 -12.91 5.11 -0.07
CA SER A 334 -14.27 5.60 0.13
C SER A 334 -14.87 5.05 1.42
N ALA A 335 -14.55 3.79 1.73
CA ALA A 335 -14.97 3.23 3.00
C ALA A 335 -14.39 4.00 4.17
N ASN A 336 -13.15 4.47 4.02
CA ASN A 336 -12.53 5.23 5.10
C ASN A 336 -13.10 6.64 5.22
N ARG A 337 -13.91 7.08 4.27
CA ARG A 337 -14.62 8.35 4.37
C ARG A 337 -16.11 8.16 4.68
N ASP A 338 -16.48 6.99 5.19
CA ASP A 338 -17.88 6.66 5.45
C ASP A 338 -18.37 7.39 6.70
N GLU A 339 -19.16 8.44 6.49
CA GLU A 339 -19.68 9.20 7.62
C GLU A 339 -20.52 8.35 8.55
N SER A 340 -21.06 7.23 8.08
CA SER A 340 -21.79 6.38 9.01
C SER A 340 -20.88 5.61 9.96
N VAL A 341 -19.56 5.63 9.73
CA VAL A 341 -18.62 4.93 10.61
C VAL A 341 -17.69 5.91 11.31
N PHE A 342 -17.29 7.00 10.65
CA PHE A 342 -16.38 7.98 11.23
C PHE A 342 -17.05 9.33 11.25
N GLU A 343 -17.25 9.89 12.44
CA GLU A 343 -17.86 11.20 12.55
C GLU A 343 -16.95 12.26 11.94
N ASN A 344 -17.51 13.10 11.07
CA ASN A 344 -16.72 14.03 10.26
C ASN A 344 -15.60 13.28 9.55
N ALA A 345 -16.01 12.29 8.76
CA ALA A 345 -15.07 11.47 8.00
C ALA A 345 -14.27 12.27 6.99
N ASP A 346 -14.79 13.41 6.55
CA ASP A 346 -14.08 14.29 5.63
C ASP A 346 -13.06 15.16 6.33
N ARG A 347 -12.87 14.99 7.64
CA ARG A 347 -11.95 15.82 8.39
C ARG A 347 -10.80 14.97 8.93
N PHE A 348 -9.61 15.57 8.92
CA PHE A 348 -8.40 14.97 9.46
C PHE A 348 -8.26 15.38 10.92
N ASP A 349 -8.30 14.39 11.81
CA ASP A 349 -8.28 14.63 13.24
C ASP A 349 -7.41 13.53 13.86
N LEU A 350 -6.17 13.86 14.20
CA LEU A 350 -5.27 12.84 14.71
C LEU A 350 -5.57 12.43 16.15
N THR A 351 -6.56 13.04 16.79
CA THR A 351 -7.05 12.62 18.09
C THR A 351 -8.14 11.56 17.99
N ARG A 352 -8.58 11.23 16.78
CA ARG A 352 -9.71 10.33 16.56
C ARG A 352 -9.53 9.00 17.28
N GLU A 353 -10.51 8.64 18.11
CA GLU A 353 -10.46 7.45 18.94
C GLU A 353 -11.06 6.24 18.24
N HIS A 354 -12.26 6.41 17.70
CA HIS A 354 -12.94 5.36 16.94
C HIS A 354 -12.40 5.40 15.51
N ASN A 355 -11.59 4.40 15.14
CA ASN A 355 -10.94 4.39 13.83
C ASN A 355 -10.77 2.96 13.33
N PRO A 356 -11.88 2.27 13.00
CA PRO A 356 -11.78 0.94 12.37
C PRO A 356 -11.50 1.05 10.87
N HIS A 357 -10.44 1.78 10.53
CA HIS A 357 -10.16 2.03 9.12
C HIS A 357 -9.77 0.74 8.42
N LEU A 358 -9.93 0.75 7.09
CA LEU A 358 -9.57 -0.38 6.24
C LEU A 358 -8.32 -0.09 5.40
N GLY A 359 -7.48 0.84 5.84
CA GLY A 359 -6.29 1.16 5.06
C GLY A 359 -5.28 0.03 5.02
N PHE A 360 -5.35 -0.89 5.97
CA PHE A 360 -4.53 -2.09 5.97
C PHE A 360 -5.34 -3.30 5.56
N GLY A 361 -6.46 -3.09 4.89
CA GLY A 361 -7.28 -4.22 4.54
C GLY A 361 -8.07 -4.77 5.71
N TYR A 362 -8.66 -5.95 5.47
CA TYR A 362 -9.56 -6.51 6.46
C TYR A 362 -9.79 -7.97 6.12
N GLY A 363 -9.80 -8.81 7.15
CA GLY A 363 -10.06 -10.22 6.96
C GLY A 363 -8.88 -11.03 6.50
N ILE A 364 -9.14 -11.97 5.58
CA ILE A 364 -8.18 -13.00 5.22
C ILE A 364 -6.91 -12.41 4.62
N HIS A 365 -7.04 -11.36 3.81
CA HIS A 365 -5.91 -10.74 3.12
C HIS A 365 -5.41 -9.47 3.78
N ARG A 366 -5.83 -9.20 5.01
CA ARG A 366 -5.40 -8.00 5.72
C ARG A 366 -3.88 -7.94 5.79
N CYS A 367 -3.36 -6.72 5.78
CA CYS A 367 -1.93 -6.47 5.60
C CYS A 367 -1.03 -7.17 6.63
N LEU A 368 -0.25 -8.14 6.15
CA LEU A 368 0.76 -8.75 7.01
C LEU A 368 1.88 -7.76 7.33
N GLY A 369 2.07 -6.72 6.51
CA GLY A 369 3.11 -5.76 6.79
C GLY A 369 2.75 -4.64 7.74
N ALA A 370 1.50 -4.61 8.21
CA ALA A 370 1.04 -3.48 9.02
C ALA A 370 1.89 -3.20 10.24
N PRO A 371 2.30 -4.19 11.06
CA PRO A 371 3.20 -3.85 12.17
C PRO A 371 4.47 -3.16 11.70
N LEU A 372 5.07 -3.64 10.62
CA LEU A 372 6.28 -2.97 10.13
C LEU A 372 5.97 -1.57 9.63
N ALA A 373 4.89 -1.41 8.86
CA ALA A 373 4.54 -0.10 8.32
C ALA A 373 4.28 0.91 9.44
N ARG A 374 3.59 0.47 10.50
CA ARG A 374 3.31 1.36 11.62
C ARG A 374 4.59 1.74 12.37
N LEU A 375 5.53 0.80 12.52
CA LEU A 375 6.83 1.15 13.08
C LEU A 375 7.53 2.21 12.24
N GLU A 376 7.53 2.03 10.93
CA GLU A 376 8.24 2.95 10.05
C GLU A 376 7.59 4.34 10.08
N MET A 377 6.27 4.38 9.87
CA MET A 377 5.52 5.64 9.96
C MET A 377 5.84 6.39 11.25
N GLN A 378 5.78 5.68 12.37
CA GLN A 378 5.97 6.34 13.67
C GLN A 378 7.40 6.85 13.82
N VAL A 379 8.39 6.01 13.55
CA VAL A 379 9.78 6.42 13.65
C VAL A 379 10.08 7.57 12.71
N ALA A 380 9.59 7.51 11.46
CA ALA A 380 9.89 8.56 10.49
C ALA A 380 9.31 9.90 10.92
N LEU A 381 8.03 9.92 11.30
CA LEU A 381 7.38 11.18 11.63
C LEU A 381 7.96 11.78 12.90
N ASP A 382 8.16 10.95 13.94
CA ASP A 382 8.76 11.45 15.17
C ASP A 382 10.17 11.98 14.92
N SER A 383 10.98 11.26 14.15
CA SER A 383 12.36 11.70 13.91
C SER A 383 12.42 13.06 13.21
N LEU A 384 11.65 13.21 12.14
CA LEU A 384 11.65 14.48 11.42
C LEU A 384 11.19 15.64 12.32
N LEU A 385 10.16 15.41 13.15
CA LEU A 385 9.70 16.52 13.99
C LEU A 385 10.64 16.79 15.15
N ARG A 386 11.31 15.76 15.68
CA ARG A 386 12.25 16.00 16.77
C ARG A 386 13.54 16.64 16.25
N ARG A 387 14.04 16.20 15.10
CA ARG A 387 15.29 16.76 14.59
C ARG A 387 15.10 18.07 13.87
N LEU A 388 13.93 18.28 13.28
CA LEU A 388 13.65 19.44 12.44
C LEU A 388 12.40 20.14 12.96
N PRO A 389 12.49 20.80 14.12
CA PRO A 389 11.30 21.44 14.70
C PRO A 389 10.57 22.39 13.75
N GLU A 390 11.26 23.06 12.83
CA GLU A 390 10.66 24.10 12.00
C GLU A 390 10.27 23.59 10.61
N LEU A 391 10.13 22.29 10.44
CA LEU A 391 9.84 21.71 9.13
C LEU A 391 8.56 22.28 8.54
N ARG A 392 8.64 22.70 7.29
CA ARG A 392 7.49 23.26 6.58
C ARG A 392 7.68 23.04 5.10
N CYS A 393 6.57 23.00 4.35
CA CYS A 393 6.66 22.80 2.92
C CYS A 393 7.10 24.09 2.23
N ALA A 394 8.08 23.96 1.32
CA ALA A 394 8.77 25.12 0.75
C ALA A 394 8.06 25.73 -0.45
N VAL A 395 7.00 25.12 -0.94
CA VAL A 395 6.27 25.65 -2.11
C VAL A 395 4.78 25.57 -1.79
N PRO A 396 3.92 26.23 -2.56
CA PRO A 396 2.48 26.05 -2.34
C PRO A 396 2.02 24.71 -2.91
N ALA A 397 0.92 24.20 -2.37
CA ALA A 397 0.42 22.88 -2.78
C ALA A 397 0.21 22.81 -4.28
N GLU A 398 -0.21 23.93 -4.87
CA GLU A 398 -0.53 23.98 -6.29
C GLU A 398 0.68 23.63 -7.15
N SER A 399 1.88 23.90 -6.66
CA SER A 399 3.09 23.68 -7.44
C SER A 399 3.58 22.24 -7.41
N LEU A 400 2.96 21.37 -6.62
CA LEU A 400 3.52 20.04 -6.43
C LEU A 400 3.19 19.13 -7.61
N GLU A 401 4.09 18.20 -7.86
CA GLU A 401 3.99 17.25 -8.96
C GLU A 401 3.67 15.88 -8.38
N TRP A 402 2.56 15.31 -8.81
CA TRP A 402 2.13 13.99 -8.36
C TRP A 402 2.47 12.94 -9.41
N LYS A 403 2.57 11.69 -8.96
CA LYS A 403 2.85 10.57 -9.86
C LYS A 403 1.52 9.98 -10.29
N ASP A 404 1.15 10.21 -11.55
CA ASP A 404 -0.14 9.81 -12.06
C ASP A 404 -0.05 8.49 -12.82
N GLY A 405 -1.19 7.80 -12.90
CA GLY A 405 -1.25 6.58 -13.66
C GLY A 405 -0.83 5.34 -12.89
N MET A 406 -0.92 5.38 -11.57
CA MET A 406 -0.54 4.28 -10.69
C MET A 406 -1.72 3.91 -9.81
N GLN A 407 -1.63 2.77 -9.14
CA GLN A 407 -2.75 2.35 -8.29
C GLN A 407 -2.68 2.94 -6.89
N VAL A 408 -1.58 3.59 -6.52
CA VAL A 408 -1.55 4.41 -5.31
C VAL A 408 -1.07 5.81 -5.68
N ARG A 409 -1.42 6.76 -4.82
CA ARG A 409 -1.03 8.14 -4.99
C ARG A 409 0.29 8.40 -4.28
N SER A 410 1.12 9.25 -4.88
CA SER A 410 2.37 9.69 -4.25
C SER A 410 2.87 10.97 -4.93
N LEU A 411 3.59 11.77 -4.17
CA LEU A 411 4.30 12.93 -4.67
C LEU A 411 5.60 12.49 -5.34
N LEU A 412 6.01 13.24 -6.36
CA LEU A 412 7.33 13.02 -6.94
C LEU A 412 8.41 13.82 -6.21
N GLU A 413 8.05 14.94 -5.60
CA GLU A 413 8.95 15.77 -4.84
C GLU A 413 8.15 16.46 -3.75
N LEU A 414 8.75 16.65 -2.60
CA LEU A 414 8.13 17.43 -1.52
C LEU A 414 9.24 18.31 -0.96
N PRO A 415 9.46 19.46 -1.59
CA PRO A 415 10.51 20.39 -1.11
C PRO A 415 10.09 20.99 0.22
N VAL A 416 11.04 21.00 1.17
CA VAL A 416 10.76 21.43 2.53
C VAL A 416 11.86 22.36 3.02
N LEU A 417 11.51 23.13 4.03
CA LEU A 417 12.40 24.04 4.73
C LEU A 417 12.46 23.66 6.20
N TRP A 418 13.52 24.09 6.86
CA TRP A 418 13.62 23.89 8.30
C TRP A 418 14.45 24.99 8.95
#